data_8J54
#
_entry.id   8J54
#
_cell.length_a   36.239
_cell.length_b   63.646
_cell.length_c   244.649
_cell.angle_alpha   90.00
_cell.angle_beta   90.00
_cell.angle_gamma   90.00
#
_symmetry.space_group_name_H-M   'P 21 21 21'
#
loop_
_entity.id
_entity.type
_entity.pdbx_description
1 polymer "DNA (5'-D(*CP*AP*TP*GP*AP*CP*CP*TP*AP*CP*TP*GP*AP*CP*CP*TP*AP*G)-3')"
2 polymer "DNA (5'-D(*CP*TP*AP*GP*GP*TP*CP*AP*GP*TP*AP*GP*GP*TP*CP*AP*TP*G)-3')"
3 polymer 'Retinoic acid receptor RXR'
4 non-polymer 'ZINC ION'
#
loop_
_entity_poly.entity_id
_entity_poly.type
_entity_poly.pdbx_seq_one_letter_code
_entity_poly.pdbx_strand_id
1 'polydeoxyribonucleotide' (DC)(DA)(DT)(DG)(DA)(DC)(DC)(DT)(DA)(DC)(DT)(DG)(DA)(DC)(DC)(DT)(DA)(DG) A,N
2 'polydeoxyribonucleotide' (DC)(DT)(DA)(DG)(DG)(DT)(DC)(DA)(DG)(DT)(DA)(DG)(DG)(DT)(DC)(DA)(DT)(DG) B,P
3 'polypeptide(L)'
;FTKHICAICGDRSSGKHYGVYSCEGCKGFFKRTVRKDLTYTCRDNKDCLIDKRQRNRCQYCRYQKCLAMGMKREAVQEER
QRG
;
C,D,E,F
#
loop_
_chem_comp.id
_chem_comp.type
_chem_comp.name
_chem_comp.formula
DA DNA linking 2'-DEOXYADENOSINE-5'-MONOPHOSPHATE 'C10 H14 N5 O6 P'
DC DNA linking 2'-DEOXYCYTIDINE-5'-MONOPHOSPHATE 'C9 H14 N3 O7 P'
DG DNA linking 2'-DEOXYGUANOSINE-5'-MONOPHOSPHATE 'C10 H14 N5 O7 P'
DT DNA linking THYMIDINE-5'-MONOPHOSPHATE 'C10 H15 N2 O8 P'
ZN non-polymer 'ZINC ION' 'Zn 2'
#
# COMPACT_ATOMS: atom_id res chain seq x y z
N LYS C 3 -15.56 3.01 8.14
CA LYS C 3 -15.06 2.13 7.09
C LYS C 3 -15.67 0.73 7.22
N HIS C 4 -16.63 0.60 8.14
CA HIS C 4 -17.27 -0.68 8.40
C HIS C 4 -18.79 -0.63 8.33
N ILE C 5 -19.37 0.52 8.00
CA ILE C 5 -20.82 0.69 8.01
C ILE C 5 -21.27 1.36 6.72
N CYS C 6 -22.49 1.05 6.30
CA CYS C 6 -23.08 1.68 5.12
C CYS C 6 -23.48 3.11 5.47
N ALA C 7 -22.91 4.08 4.75
CA ALA C 7 -23.14 5.49 5.06
C ALA C 7 -24.55 5.96 4.71
N ILE C 8 -25.43 5.07 4.24
CA ILE C 8 -26.75 5.44 3.78
C ILE C 8 -27.84 4.88 4.70
N CYS C 9 -27.77 3.58 4.99
CA CYS C 9 -28.82 2.93 5.77
C CYS C 9 -28.32 2.22 7.01
N GLY C 10 -27.02 2.28 7.31
CA GLY C 10 -26.51 1.69 8.53
C GLY C 10 -26.38 0.19 8.54
N ASP C 11 -26.36 -0.45 7.37
CA ASP C 11 -26.15 -1.88 7.27
C ASP C 11 -24.66 -2.20 7.16
N ARG C 12 -24.33 -3.47 7.32
CA ARG C 12 -22.94 -3.90 7.22
C ARG C 12 -22.41 -3.64 5.81
N SER C 13 -21.28 -2.95 5.74
CA SER C 13 -20.69 -2.60 4.46
C SER C 13 -19.90 -3.78 3.88
N SER C 14 -19.89 -3.85 2.55
CA SER C 14 -19.13 -4.87 1.83
C SER C 14 -17.98 -4.26 1.03
N GLY C 15 -17.65 -3.00 1.27
CA GLY C 15 -16.61 -2.30 0.55
C GLY C 15 -17.14 -1.05 -0.11
N LYS C 16 -16.21 -0.32 -0.74
CA LYS C 16 -16.57 0.90 -1.43
C LYS C 16 -17.26 0.58 -2.76
N HIS C 17 -18.43 1.17 -2.97
CA HIS C 17 -19.18 1.00 -4.20
C HIS C 17 -19.60 2.36 -4.72
N TYR C 18 -19.19 2.68 -5.95
CA TYR C 18 -19.47 3.98 -6.58
C TYR C 18 -19.03 5.14 -5.70
N GLY C 19 -17.92 4.95 -4.97
CA GLY C 19 -17.27 5.99 -4.21
C GLY C 19 -17.43 5.87 -2.70
N VAL C 20 -18.57 5.38 -2.23
CA VAL C 20 -18.89 5.41 -0.81
C VAL C 20 -18.99 3.99 -0.27
N TYR C 21 -18.73 3.86 1.04
CA TYR C 21 -18.88 2.59 1.74
C TYR C 21 -20.37 2.32 1.95
N SER C 22 -20.87 1.24 1.36
CA SER C 22 -22.29 0.94 1.39
C SER C 22 -22.50 -0.57 1.50
N CYS C 23 -23.76 -0.97 1.53
CA CYS C 23 -24.15 -2.37 1.63
C CYS C 23 -24.54 -2.90 0.26
N GLU C 24 -24.87 -4.20 0.22
CA GLU C 24 -25.28 -4.81 -1.04
C GLU C 24 -26.67 -4.33 -1.46
N GLY C 25 -27.52 -3.98 -0.49
CA GLY C 25 -28.85 -3.49 -0.84
C GLY C 25 -28.80 -2.13 -1.50
N CYS C 26 -28.04 -1.20 -0.91
CA CYS C 26 -27.95 0.14 -1.49
C CYS C 26 -27.17 0.14 -2.79
N LYS C 27 -26.26 -0.79 -2.94
CA LYS C 27 -25.44 -0.86 -4.12
C LYS C 27 -26.31 -1.15 -5.32
N GLY C 28 -27.01 -2.28 -5.28
CA GLY C 28 -27.85 -2.67 -6.39
C GLY C 28 -28.97 -1.68 -6.67
N PHE C 29 -29.41 -0.94 -5.66
CA PHE C 29 -30.47 0.03 -5.84
C PHE C 29 -30.04 1.14 -6.79
N PHE C 30 -28.94 1.81 -6.46
CA PHE C 30 -28.37 2.83 -7.34
C PHE C 30 -28.13 2.27 -8.74
N LYS C 31 -27.50 1.10 -8.81
CA LYS C 31 -27.21 0.49 -10.10
C LYS C 31 -28.48 0.26 -10.92
N ARG C 32 -29.56 -0.16 -10.25
CA ARG C 32 -30.81 -0.43 -10.97
C ARG C 32 -31.46 0.85 -11.47
N THR C 33 -31.25 1.97 -10.79
CA THR C 33 -31.95 3.21 -11.16
C THR C 33 -31.35 3.81 -12.42
N VAL C 34 -30.04 4.10 -12.39
CA VAL C 34 -29.41 4.81 -13.51
C VAL C 34 -29.36 3.95 -14.77
N ARG C 35 -29.24 2.63 -14.61
CA ARG C 35 -29.32 1.74 -15.77
C ARG C 35 -30.63 1.93 -16.52
N LYS C 36 -31.73 2.14 -15.79
CA LYS C 36 -33.05 2.30 -16.39
C LYS C 36 -33.56 3.73 -16.37
N ASP C 37 -32.82 4.66 -15.76
CA ASP C 37 -33.22 6.05 -15.63
C ASP C 37 -34.61 6.15 -14.99
N LEU C 38 -34.67 6.03 -13.67
CA LEU C 38 -35.93 5.97 -12.94
C LEU C 38 -36.11 7.24 -12.12
N THR C 39 -37.26 7.89 -12.29
CA THR C 39 -37.62 9.08 -11.53
C THR C 39 -38.52 8.69 -10.37
N TYR C 40 -38.19 9.16 -9.18
CA TYR C 40 -38.87 8.76 -7.95
C TYR C 40 -39.57 9.96 -7.33
N THR C 41 -40.74 9.71 -6.75
CA THR C 41 -41.53 10.74 -6.08
C THR C 41 -41.67 10.38 -4.61
N CYS C 42 -41.44 11.36 -3.74
CA CYS C 42 -41.59 11.18 -2.31
C CYS C 42 -43.00 11.59 -1.89
N ARG C 43 -43.70 10.68 -1.21
CA ARG C 43 -45.04 10.94 -0.69
C ARG C 43 -45.03 11.68 0.64
N ASP C 44 -43.89 12.28 1.01
CA ASP C 44 -43.74 12.89 2.32
C ASP C 44 -43.13 14.28 2.17
N ASN C 45 -42.19 14.64 3.04
CA ASN C 45 -41.57 15.96 3.06
C ASN C 45 -40.12 15.93 2.59
N LYS C 46 -39.74 14.89 1.84
CA LYS C 46 -38.40 14.76 1.27
C LYS C 46 -37.32 14.72 2.34
N ASP C 47 -37.56 13.93 3.40
CA ASP C 47 -36.56 13.78 4.46
C ASP C 47 -36.81 12.52 5.27
N CYS C 48 -37.38 11.49 4.65
CA CYS C 48 -37.69 10.25 5.35
C CYS C 48 -36.41 9.59 5.84
N LEU C 49 -36.45 9.09 7.08
CA LEU C 49 -35.31 8.42 7.65
C LEU C 49 -34.99 7.14 6.88
N ILE C 50 -33.69 6.83 6.79
CA ILE C 50 -33.21 5.66 6.05
C ILE C 50 -32.33 4.86 7.00
N ASP C 51 -32.84 3.72 7.47
CA ASP C 51 -32.09 2.81 8.32
C ASP C 51 -32.22 1.40 7.75
N LYS C 52 -31.64 0.43 8.46
CA LYS C 52 -31.65 -0.95 7.98
C LYS C 52 -33.06 -1.51 7.86
N ARG C 53 -33.98 -1.06 8.72
CA ARG C 53 -35.31 -1.65 8.78
C ARG C 53 -36.30 -1.02 7.80
N GLN C 54 -36.18 0.27 7.52
CA GLN C 54 -37.16 0.97 6.70
C GLN C 54 -36.51 1.66 5.50
N ARG C 55 -35.42 1.11 4.99
CA ARG C 55 -34.77 1.72 3.84
C ARG C 55 -35.60 1.63 2.57
N ASN C 56 -36.51 0.68 2.51
CA ASN C 56 -37.31 0.58 1.30
C ASN C 56 -38.66 1.27 1.42
N ARG C 57 -38.85 2.05 2.47
CA ARG C 57 -40.09 2.80 2.65
C ARG C 57 -40.26 3.84 1.55
N CYS C 58 -39.32 4.77 1.47
CA CYS C 58 -39.35 5.83 0.45
C CYS C 58 -38.15 5.66 -0.45
N GLN C 59 -38.36 5.44 -1.73
CA GLN C 59 -37.19 5.33 -2.55
C GLN C 59 -36.58 6.70 -2.74
N TYR C 60 -37.41 7.68 -3.01
CA TYR C 60 -36.84 8.97 -3.39
C TYR C 60 -35.76 9.39 -2.41
N CYS C 61 -36.08 9.40 -1.11
CA CYS C 61 -35.12 9.87 -0.12
C CYS C 61 -33.93 8.93 0.02
N ARG C 62 -34.13 7.64 -0.21
CA ARG C 62 -33.00 6.71 -0.20
C ARG C 62 -32.04 7.02 -1.34
N TYR C 63 -32.57 7.40 -2.50
CA TYR C 63 -31.74 7.81 -3.62
C TYR C 63 -31.01 9.11 -3.32
N GLN C 64 -31.73 10.10 -2.80
CA GLN C 64 -31.10 11.38 -2.46
C GLN C 64 -30.04 11.21 -1.39
N LYS C 65 -30.27 10.31 -0.43
CA LYS C 65 -29.28 10.07 0.62
C LYS C 65 -28.01 9.47 0.05
N CYS C 66 -28.11 8.66 -1.00
CA CYS C 66 -26.92 8.11 -1.65
C CYS C 66 -26.09 9.22 -2.29
N LEU C 67 -26.75 10.20 -2.91
CA LEU C 67 -26.02 11.25 -3.63
C LEU C 67 -25.44 12.27 -2.66
N ALA C 68 -26.15 12.56 -1.56
CA ALA C 68 -25.60 13.45 -0.54
C ALA C 68 -24.37 12.86 0.11
N MET C 69 -24.26 11.53 0.14
CA MET C 69 -23.11 10.86 0.70
C MET C 69 -21.98 10.67 -0.30
N GLY C 70 -22.15 11.13 -1.53
CA GLY C 70 -21.08 11.12 -2.51
C GLY C 70 -21.08 9.98 -3.51
N MET C 71 -22.16 9.19 -3.57
CA MET C 71 -22.21 8.09 -4.53
C MET C 71 -22.33 8.63 -5.94
N LYS C 72 -21.37 8.29 -6.80
CA LYS C 72 -21.24 8.90 -8.12
C LYS C 72 -22.11 8.18 -9.14
N ARG C 73 -22.92 8.95 -9.87
CA ARG C 73 -23.67 8.40 -10.98
C ARG C 73 -22.76 7.95 -12.10
N GLU C 74 -21.60 8.59 -12.24
CA GLU C 74 -20.72 8.32 -13.39
C GLU C 74 -20.08 6.94 -13.29
N ALA C 75 -19.81 6.47 -12.07
CA ALA C 75 -19.12 5.20 -11.89
C ALA C 75 -19.99 3.98 -12.16
N VAL C 76 -21.27 4.18 -12.48
CA VAL C 76 -22.17 3.07 -12.79
C VAL C 76 -21.99 2.74 -14.27
N GLN C 77 -21.27 1.65 -14.55
CA GLN C 77 -21.03 1.26 -15.93
C GLN C 77 -22.32 0.77 -16.58
N GLU C 78 -22.27 0.63 -17.90
CA GLU C 78 -23.44 0.21 -18.65
C GLU C 78 -23.55 -1.31 -18.67
N GLU C 79 -24.77 -1.77 -18.91
CA GLU C 79 -25.11 -3.18 -18.94
C GLU C 79 -24.16 -3.92 -19.82
N ARG C 80 -24.03 -5.23 -19.61
CA ARG C 80 -23.08 -5.98 -20.40
C ARG C 80 -23.61 -7.04 -21.33
N GLN C 81 -22.67 -7.90 -21.76
CA GLN C 81 -22.85 -8.99 -22.71
C GLN C 81 -23.24 -8.50 -24.09
N LYS D 3 3.12 16.17 -23.79
CA LYS D 3 3.85 14.91 -23.95
C LYS D 3 3.70 14.04 -22.71
N HIS D 4 2.60 14.24 -21.98
CA HIS D 4 2.34 13.46 -20.77
C HIS D 4 0.86 13.15 -20.59
N ILE D 5 0.03 13.37 -21.59
CA ILE D 5 -1.43 13.20 -21.49
C ILE D 5 -1.84 12.03 -22.35
N CYS D 6 -2.70 11.16 -21.80
CA CYS D 6 -3.25 10.04 -22.56
C CYS D 6 -4.18 10.58 -23.64
N ALA D 7 -3.91 10.23 -24.90
CA ALA D 7 -4.69 10.74 -26.01
C ALA D 7 -6.10 10.17 -26.06
N ILE D 8 -6.35 9.07 -25.34
CA ILE D 8 -7.66 8.42 -25.40
C ILE D 8 -8.61 8.97 -24.35
N CYS D 9 -8.15 9.09 -23.09
CA CYS D 9 -9.03 9.49 -22.00
C CYS D 9 -8.51 10.70 -21.23
N GLY D 10 -7.43 11.33 -21.69
CA GLY D 10 -6.91 12.52 -21.04
C GLY D 10 -6.17 12.29 -19.74
N ASP D 11 -6.02 11.04 -19.31
CA ASP D 11 -5.30 10.77 -18.08
C ASP D 11 -3.79 11.00 -18.27
N ARG D 12 -3.05 10.88 -17.18
CA ARG D 12 -1.60 11.05 -17.24
C ARG D 12 -0.98 9.89 -18.01
N SER D 13 -0.04 10.23 -18.91
CA SER D 13 0.59 9.26 -19.78
C SER D 13 1.96 8.86 -19.24
N SER D 14 2.29 7.58 -19.38
CA SER D 14 3.56 7.05 -18.93
C SER D 14 4.52 6.79 -20.08
N GLY D 15 4.23 7.32 -21.27
CA GLY D 15 5.03 7.09 -22.45
C GLY D 15 4.20 6.44 -23.55
N LYS D 16 4.90 5.94 -24.56
CA LYS D 16 4.25 5.28 -25.67
C LYS D 16 3.88 3.84 -25.30
N HIS D 17 2.63 3.48 -25.53
CA HIS D 17 2.16 2.11 -25.38
C HIS D 17 1.47 1.72 -26.68
N TYR D 18 2.09 0.81 -27.44
CA TYR D 18 1.59 0.38 -28.74
C TYR D 18 1.44 1.55 -29.70
N GLY D 19 2.38 2.50 -29.61
CA GLY D 19 2.45 3.59 -30.56
C GLY D 19 2.04 4.94 -30.01
N VAL D 20 0.86 5.00 -29.39
CA VAL D 20 0.26 6.26 -28.96
C VAL D 20 0.53 6.48 -27.48
N TYR D 21 0.73 7.73 -27.10
CA TYR D 21 0.81 8.10 -25.69
C TYR D 21 -0.49 7.71 -24.99
N SER D 22 -0.38 6.85 -23.98
CA SER D 22 -1.56 6.35 -23.29
C SER D 22 -1.20 6.00 -21.85
N CYS D 23 -2.22 5.98 -21.00
CA CYS D 23 -2.04 5.65 -19.60
C CYS D 23 -1.98 4.13 -19.43
N GLU D 24 -1.74 3.69 -18.19
CA GLU D 24 -1.67 2.26 -17.91
C GLU D 24 -3.04 1.60 -18.00
N GLY D 25 -4.11 2.37 -17.78
CA GLY D 25 -5.45 1.79 -17.88
C GLY D 25 -5.83 1.47 -19.31
N CYS D 26 -5.62 2.41 -20.22
CA CYS D 26 -5.93 2.17 -21.62
C CYS D 26 -4.97 1.17 -22.24
N LYS D 27 -3.72 1.13 -21.77
CA LYS D 27 -2.76 0.14 -22.26
C LYS D 27 -3.21 -1.27 -21.90
N GLY D 28 -3.58 -1.48 -20.63
CA GLY D 28 -4.04 -2.80 -20.22
C GLY D 28 -5.33 -3.19 -20.88
N PHE D 29 -6.20 -2.22 -21.17
CA PHE D 29 -7.45 -2.53 -21.85
C PHE D 29 -7.20 -3.02 -23.28
N PHE D 30 -6.26 -2.37 -23.99
CA PHE D 30 -5.99 -2.80 -25.35
C PHE D 30 -5.24 -4.13 -25.38
N LYS D 31 -4.36 -4.37 -24.40
CA LYS D 31 -3.67 -5.65 -24.36
C LYS D 31 -4.63 -6.81 -24.19
N ARG D 32 -5.73 -6.61 -23.46
CA ARG D 32 -6.70 -7.66 -23.23
C ARG D 32 -7.74 -7.76 -24.34
N THR D 33 -7.87 -6.75 -25.18
CA THR D 33 -8.90 -6.85 -26.21
C THR D 33 -8.48 -7.67 -27.42
N VAL D 34 -7.21 -7.67 -27.76
CA VAL D 34 -6.74 -8.49 -28.87
C VAL D 34 -6.37 -9.89 -28.40
N ARG D 35 -5.77 -10.01 -27.22
CA ARG D 35 -5.34 -11.31 -26.72
C ARG D 35 -6.49 -12.30 -26.66
N LYS D 36 -7.67 -11.83 -26.24
CA LYS D 36 -8.85 -12.68 -26.15
C LYS D 36 -9.78 -12.52 -27.34
N ASP D 37 -9.49 -11.59 -28.26
CA ASP D 37 -10.32 -11.31 -29.42
C ASP D 37 -11.76 -10.98 -29.00
N LEU D 38 -11.87 -10.02 -28.09
CA LEU D 38 -13.16 -9.64 -27.54
C LEU D 38 -13.84 -8.63 -28.46
N THR D 39 -15.05 -8.95 -28.90
CA THR D 39 -15.85 -8.06 -29.72
C THR D 39 -16.91 -7.38 -28.86
N TYR D 40 -17.03 -6.07 -28.99
CA TYR D 40 -17.88 -5.26 -28.14
C TYR D 40 -19.12 -4.77 -28.90
N THR D 41 -20.19 -4.52 -28.14
CA THR D 41 -21.41 -3.93 -28.65
C THR D 41 -21.77 -2.72 -27.81
N CYS D 42 -22.31 -1.69 -28.45
CA CYS D 42 -22.68 -0.46 -27.77
C CYS D 42 -24.19 -0.40 -27.54
N ARG D 43 -24.57 0.09 -26.36
CA ARG D 43 -25.98 0.23 -26.00
C ARG D 43 -26.55 1.59 -26.38
N ASP D 44 -25.73 2.53 -26.83
CA ASP D 44 -26.15 3.85 -27.25
C ASP D 44 -25.92 4.01 -28.75
N ASN D 45 -25.56 5.22 -29.18
CA ASN D 45 -25.35 5.52 -30.59
C ASN D 45 -23.87 5.52 -30.97
N LYS D 46 -23.05 4.75 -30.26
CA LYS D 46 -21.62 4.62 -30.54
C LYS D 46 -20.91 5.97 -30.50
N ASP D 47 -21.34 6.86 -29.62
CA ASP D 47 -20.77 8.20 -29.51
C ASP D 47 -20.56 8.61 -28.06
N CYS D 48 -20.27 7.65 -27.19
CA CYS D 48 -20.06 7.97 -25.78
C CYS D 48 -18.76 8.73 -25.59
N LEU D 49 -18.77 9.64 -24.62
CA LEU D 49 -17.59 10.45 -24.33
C LEU D 49 -16.59 9.65 -23.51
N ILE D 50 -15.33 9.67 -23.95
CA ILE D 50 -14.26 8.88 -23.35
C ILE D 50 -13.32 9.83 -22.62
N ASP D 51 -13.33 9.80 -21.29
CA ASP D 51 -12.39 10.59 -20.50
C ASP D 51 -11.98 9.77 -19.28
N LYS D 52 -11.34 10.43 -18.30
CA LYS D 52 -10.85 9.74 -17.12
C LYS D 52 -11.98 9.22 -16.23
N ARG D 53 -13.16 9.83 -16.29
CA ARG D 53 -14.23 9.51 -15.36
C ARG D 53 -15.16 8.41 -15.85
N GLN D 54 -15.29 8.23 -17.17
CA GLN D 54 -16.20 7.23 -17.71
C GLN D 54 -15.56 6.46 -18.85
N ARG D 55 -14.26 6.19 -18.75
CA ARG D 55 -13.65 5.30 -19.73
C ARG D 55 -14.14 3.86 -19.56
N ASN D 56 -14.61 3.50 -18.38
CA ASN D 56 -15.21 2.18 -18.13
C ASN D 56 -16.71 2.16 -18.39
N ARG D 57 -17.27 3.25 -18.93
CA ARG D 57 -18.70 3.30 -19.18
C ARG D 57 -19.09 2.40 -20.36
N CYS D 58 -18.50 2.64 -21.53
CA CYS D 58 -18.78 1.88 -22.73
C CYS D 58 -17.48 1.31 -23.27
N GLN D 59 -17.37 -0.02 -23.28
CA GLN D 59 -16.15 -0.65 -23.78
C GLN D 59 -16.07 -0.57 -25.31
N TYR D 60 -17.23 -0.47 -25.99
CA TYR D 60 -17.21 -0.38 -27.44
C TYR D 60 -16.57 0.91 -27.90
N CYS D 61 -17.02 2.05 -27.37
CA CYS D 61 -16.47 3.33 -27.78
C CYS D 61 -15.03 3.51 -27.32
N ARG D 62 -14.65 2.89 -26.20
CA ARG D 62 -13.28 2.98 -25.72
C ARG D 62 -12.34 2.23 -26.66
N TYR D 63 -12.75 1.05 -27.14
CA TYR D 63 -11.94 0.31 -28.10
C TYR D 63 -11.92 1.00 -29.47
N GLN D 64 -13.01 1.67 -29.84
CA GLN D 64 -13.04 2.38 -31.11
C GLN D 64 -12.12 3.60 -31.09
N LYS D 65 -12.14 4.36 -29.99
CA LYS D 65 -11.27 5.53 -29.90
C LYS D 65 -9.80 5.15 -29.88
N CYS D 66 -9.49 3.94 -29.41
CA CYS D 66 -8.12 3.46 -29.45
C CYS D 66 -7.60 3.36 -30.88
N LEU D 67 -8.34 2.64 -31.74
CA LEU D 67 -7.90 2.44 -33.11
C LEU D 67 -7.90 3.76 -33.89
N ALA D 68 -8.85 4.64 -33.60
CA ALA D 68 -8.92 5.92 -34.30
C ALA D 68 -7.75 6.82 -33.93
N MET D 69 -7.23 6.68 -32.70
CA MET D 69 -6.09 7.47 -32.25
C MET D 69 -4.76 6.93 -32.75
N GLY D 70 -4.76 5.85 -33.52
CA GLY D 70 -3.53 5.29 -34.06
C GLY D 70 -2.98 4.10 -33.33
N MET D 71 -3.71 3.57 -32.34
CA MET D 71 -3.21 2.45 -31.56
C MET D 71 -3.23 1.18 -32.42
N LYS D 72 -2.09 0.51 -32.50
CA LYS D 72 -1.86 -0.56 -33.46
C LYS D 72 -2.16 -1.91 -32.83
N ARG D 73 -2.92 -2.74 -33.55
CA ARG D 73 -3.25 -4.08 -33.07
C ARG D 73 -2.04 -5.01 -33.13
N GLU D 74 -1.11 -4.76 -34.06
CA GLU D 74 0.03 -5.66 -34.22
C GLU D 74 1.12 -5.44 -33.18
N ALA D 75 1.10 -4.30 -32.47
CA ALA D 75 2.09 -4.04 -31.43
C ALA D 75 1.89 -4.87 -30.16
N VAL D 76 0.93 -5.79 -30.15
CA VAL D 76 0.67 -6.64 -29.00
C VAL D 76 1.27 -8.02 -29.28
N GLN D 77 2.19 -8.44 -28.41
CA GLN D 77 2.82 -9.74 -28.56
C GLN D 77 1.91 -10.83 -28.00
N GLU D 78 2.17 -12.06 -28.44
CA GLU D 78 1.38 -13.20 -27.99
C GLU D 78 1.69 -13.51 -26.52
N GLU D 79 0.83 -14.32 -25.92
CA GLU D 79 0.97 -14.70 -24.52
C GLU D 79 2.20 -15.58 -24.31
N LYS E 3 -1.57 -0.79 32.84
CA LYS E 3 -2.32 -1.56 31.84
C LYS E 3 -2.11 -0.99 30.45
N HIS E 4 -1.25 0.02 30.35
CA HIS E 4 -0.93 0.66 29.08
C HIS E 4 0.51 0.47 28.64
N ILE E 5 1.30 -0.29 29.40
CA ILE E 5 2.72 -0.49 29.13
C ILE E 5 2.93 -1.94 28.74
N CYS E 6 3.59 -2.17 27.59
CA CYS E 6 3.98 -3.53 27.22
C CYS E 6 4.85 -4.13 28.31
N ALA E 7 4.49 -5.32 28.77
CA ALA E 7 5.19 -5.91 29.90
C ALA E 7 6.59 -6.37 29.51
N ILE E 8 6.75 -6.93 28.30
CA ILE E 8 8.03 -7.50 27.92
C ILE E 8 9.09 -6.41 27.77
N CYS E 9 8.76 -5.35 27.02
CA CYS E 9 9.75 -4.36 26.61
C CYS E 9 9.39 -2.92 26.96
N GLY E 10 8.35 -2.70 27.78
CA GLY E 10 8.02 -1.36 28.22
C GLY E 10 7.39 -0.46 27.19
N ASP E 11 7.14 -0.94 25.97
CA ASP E 11 6.54 -0.12 24.94
C ASP E 11 5.07 0.15 25.26
N ARG E 12 4.45 1.00 24.44
CA ARG E 12 3.03 1.29 24.60
C ARG E 12 2.20 0.05 24.27
N SER E 13 1.38 -0.39 25.21
CA SER E 13 0.58 -1.59 25.04
C SER E 13 -0.81 -1.24 24.53
N SER E 14 -1.29 -2.03 23.58
CA SER E 14 -2.63 -1.87 23.02
C SER E 14 -3.65 -2.83 23.64
N GLY E 15 -3.31 -3.42 24.78
CA GLY E 15 -4.16 -4.41 25.43
C GLY E 15 -3.43 -5.72 25.63
N LYS E 16 -4.17 -6.69 26.18
CA LYS E 16 -3.59 -8.00 26.42
C LYS E 16 -3.38 -8.75 25.11
N HIS E 17 -2.41 -9.66 25.12
CA HIS E 17 -2.12 -10.50 23.96
C HIS E 17 -1.59 -11.82 24.48
N TYR E 18 -2.37 -12.89 24.29
CA TYR E 18 -2.03 -14.24 24.74
C TYR E 18 -1.81 -14.28 26.25
N GLY E 19 -2.46 -13.39 26.99
CA GLY E 19 -2.50 -13.43 28.45
C GLY E 19 -1.87 -12.22 29.11
N VAL E 20 -0.94 -11.56 28.44
CA VAL E 20 -0.15 -10.51 29.07
C VAL E 20 -0.28 -9.22 28.27
N TYR E 21 -0.25 -8.09 28.98
CA TYR E 21 -0.18 -6.79 28.34
C TYR E 21 1.11 -6.69 27.53
N SER E 22 0.98 -6.45 26.22
CA SER E 22 2.13 -6.41 25.35
C SER E 22 1.90 -5.44 24.21
N CYS E 23 2.95 -5.16 23.46
CA CYS E 23 2.89 -4.29 22.29
C CYS E 23 2.74 -5.14 21.02
N GLU E 24 2.45 -4.45 19.92
CA GLU E 24 2.27 -5.15 18.65
C GLU E 24 3.55 -5.83 18.19
N GLY E 25 4.70 -5.32 18.60
CA GLY E 25 5.95 -5.98 18.24
C GLY E 25 6.13 -7.30 18.96
N CYS E 26 5.93 -7.31 20.28
CA CYS E 26 6.07 -8.54 21.03
C CYS E 26 4.96 -9.54 20.72
N LYS E 27 3.76 -9.04 20.42
CA LYS E 27 2.68 -9.94 20.03
C LYS E 27 3.01 -10.66 18.72
N GLY E 28 3.46 -9.91 17.72
CA GLY E 28 3.82 -10.52 16.45
C GLY E 28 5.00 -11.47 16.60
N PHE E 29 6.00 -11.09 17.41
CA PHE E 29 7.17 -11.94 17.57
C PHE E 29 6.82 -13.26 18.24
N PHE E 30 6.01 -13.21 19.30
CA PHE E 30 5.59 -14.45 19.96
C PHE E 30 4.78 -15.33 19.02
N LYS E 31 3.86 -14.73 18.25
CA LYS E 31 3.01 -15.51 17.37
C LYS E 31 3.84 -16.24 16.32
N ARG E 32 4.80 -15.55 15.70
CA ARG E 32 5.59 -16.18 14.65
C ARG E 32 6.54 -17.23 15.21
N THR E 33 6.99 -17.06 16.46
CA THR E 33 7.90 -18.04 17.06
C THR E 33 7.18 -19.36 17.32
N VAL E 34 5.90 -19.30 17.71
CA VAL E 34 5.18 -20.53 18.05
C VAL E 34 4.60 -21.18 16.79
N ARG E 35 4.13 -20.37 15.84
CA ARG E 35 3.56 -20.91 14.62
C ARG E 35 4.57 -21.76 13.85
N LYS E 36 5.82 -21.30 13.79
CA LYS E 36 6.85 -21.95 12.99
C LYS E 36 7.76 -22.87 13.79
N ASP E 37 7.55 -22.96 15.10
CA ASP E 37 8.44 -23.71 16.00
C ASP E 37 9.89 -23.25 15.80
N LEU E 38 10.14 -22.01 16.19
CA LEU E 38 11.42 -21.35 15.99
C LEU E 38 12.22 -21.42 17.28
N THR E 39 13.34 -22.15 17.24
CA THR E 39 14.24 -22.27 18.37
C THR E 39 15.36 -21.24 18.20
N TYR E 40 15.51 -20.38 19.20
CA TYR E 40 16.53 -19.33 19.19
C TYR E 40 17.66 -19.70 20.14
N THR E 41 18.87 -19.25 19.80
CA THR E 41 20.04 -19.41 20.63
C THR E 41 20.61 -18.04 21.00
N CYS E 42 21.18 -17.94 22.18
CA CYS E 42 21.76 -16.70 22.67
C CYS E 42 23.27 -16.73 22.50
N ARG E 43 23.83 -15.61 22.05
CA ARG E 43 25.27 -15.50 21.82
C ARG E 43 26.01 -15.02 23.07
N ASP E 44 25.31 -14.70 24.14
CA ASP E 44 25.95 -14.17 25.34
C ASP E 44 25.63 -15.01 26.57
N ASN E 45 25.39 -14.34 27.70
CA ASN E 45 25.10 -15.00 28.97
C ASN E 45 23.61 -15.27 29.15
N LYS E 46 22.78 -14.97 28.15
CA LYS E 46 21.33 -15.13 28.22
C LYS E 46 20.70 -14.16 29.22
N ASP E 47 21.26 -12.95 29.31
CA ASP E 47 20.76 -11.92 30.21
C ASP E 47 20.61 -10.58 29.49
N CYS E 48 20.36 -10.62 28.18
CA CYS E 48 20.29 -9.40 27.40
C CYS E 48 19.08 -8.55 27.81
N LEU E 49 19.28 -7.24 27.89
CA LEU E 49 18.23 -6.33 28.30
C LEU E 49 17.20 -6.18 27.20
N ILE E 50 15.92 -6.30 27.55
CA ILE E 50 14.81 -6.21 26.62
C ILE E 50 14.05 -4.93 26.93
N ASP E 51 14.21 -3.92 26.09
CA ASP E 51 13.45 -2.69 26.20
C ASP E 51 12.97 -2.30 24.80
N LYS E 52 12.46 -1.07 24.66
CA LYS E 52 11.91 -0.64 23.38
C LYS E 52 12.99 -0.51 22.31
N ARG E 53 14.21 -0.16 22.69
CA ARG E 53 15.24 0.17 21.71
C ARG E 53 16.01 -1.05 21.21
N GLN E 54 16.33 -2.00 22.08
CA GLN E 54 17.18 -3.13 21.72
C GLN E 54 16.47 -4.47 21.88
N ARG E 55 15.15 -4.50 21.68
CA ARG E 55 14.43 -5.77 21.81
C ARG E 55 14.77 -6.72 20.67
N ASN E 56 15.19 -6.19 19.52
CA ASN E 56 15.51 -7.02 18.37
C ASN E 56 16.91 -7.60 18.41
N ARG E 57 17.73 -7.21 19.40
CA ARG E 57 19.11 -7.67 19.45
C ARG E 57 19.18 -9.17 19.66
N CYS E 58 18.56 -9.67 20.73
CA CYS E 58 18.57 -11.09 21.06
C CYS E 58 17.15 -11.63 20.98
N GLN E 59 16.95 -12.66 20.15
CA GLN E 59 15.64 -13.29 20.02
C GLN E 59 15.39 -14.34 21.09
N TYR E 60 16.45 -14.88 21.70
CA TYR E 60 16.28 -15.93 22.69
C TYR E 60 15.76 -15.34 24.01
N CYS E 61 16.41 -14.28 24.50
CA CYS E 61 15.98 -13.69 25.77
C CYS E 61 14.64 -12.99 25.64
N ARG E 62 14.34 -12.43 24.47
CA ARG E 62 13.02 -11.82 24.26
C ARG E 62 11.93 -12.88 24.34
N TYR E 63 12.21 -14.08 23.84
CA TYR E 63 11.23 -15.16 23.93
C TYR E 63 11.13 -15.71 25.34
N GLN E 64 12.25 -15.82 26.04
CA GLN E 64 12.22 -16.31 27.42
C GLN E 64 11.53 -15.32 28.33
N LYS E 65 11.71 -14.02 28.08
CA LYS E 65 11.00 -13.02 28.87
C LYS E 65 9.50 -13.07 28.60
N CYS E 66 9.10 -13.51 27.42
CA CYS E 66 7.68 -13.71 27.14
C CYS E 66 7.11 -14.82 28.02
N LEU E 67 7.77 -15.97 28.06
CA LEU E 67 7.30 -17.08 28.89
C LEU E 67 7.40 -16.74 30.37
N ALA E 68 8.44 -15.99 30.76
CA ALA E 68 8.67 -15.72 32.17
C ALA E 68 7.53 -14.92 32.78
N MET E 69 6.85 -14.09 31.99
CA MET E 69 5.85 -13.19 32.53
C MET E 69 4.44 -13.54 32.08
N GLY E 70 4.24 -14.76 31.57
CA GLY E 70 2.92 -15.34 31.47
C GLY E 70 2.37 -15.53 30.07
N MET E 71 3.15 -15.23 29.03
CA MET E 71 2.65 -15.38 27.67
C MET E 71 2.40 -16.86 27.37
N LYS E 72 1.15 -17.21 27.12
CA LYS E 72 0.72 -18.60 27.00
C LYS E 72 0.91 -19.10 25.58
N ARG E 73 1.53 -20.28 25.45
CA ARG E 73 1.77 -20.86 24.14
C ARG E 73 0.48 -21.32 23.48
N GLU E 74 -0.40 -21.97 24.24
CA GLU E 74 -1.63 -22.52 23.67
C GLU E 74 -2.61 -21.45 23.23
N ALA E 75 -2.42 -20.19 23.65
CA ALA E 75 -3.29 -19.12 23.22
C ALA E 75 -3.13 -18.80 21.73
N VAL E 76 -1.99 -19.14 21.15
CA VAL E 76 -1.76 -18.96 19.72
C VAL E 76 -2.50 -20.08 18.98
N GLN E 77 -3.41 -19.68 18.09
CA GLN E 77 -4.19 -20.66 17.34
C GLN E 77 -3.33 -21.26 16.23
N GLU E 78 -3.93 -22.08 15.39
CA GLU E 78 -3.25 -22.58 14.21
C GLU E 78 -3.48 -21.64 13.02
N GLU E 79 -2.67 -21.79 11.99
CA GLU E 79 -2.77 -20.93 10.83
C GLU E 79 -4.08 -21.17 10.09
N ARG E 80 -4.61 -20.11 9.50
CA ARG E 80 -5.87 -20.18 8.78
C ARG E 80 -5.65 -20.45 7.29
N LYS F 3 14.35 11.14 -2.76
CA LYS F 3 14.15 9.89 -2.03
C LYS F 3 14.74 8.71 -2.81
N HIS F 4 15.50 9.01 -3.86
CA HIS F 4 16.15 7.99 -4.67
C HIS F 4 17.64 8.24 -4.84
N ILE F 5 18.23 9.14 -4.05
CA ILE F 5 19.63 9.51 -4.19
C ILE F 5 20.35 9.22 -2.88
N CYS F 6 21.60 8.76 -3.00
CA CYS F 6 22.41 8.46 -1.81
C CYS F 6 22.94 9.76 -1.23
N ALA F 7 22.61 10.02 0.03
CA ALA F 7 22.97 11.29 0.67
C ALA F 7 24.46 11.45 0.91
N ILE F 8 25.24 10.37 0.79
CA ILE F 8 26.67 10.40 1.10
C ILE F 8 27.51 10.63 -0.15
N CYS F 9 27.23 9.87 -1.22
CA CYS F 9 28.05 9.92 -2.42
C CYS F 9 27.27 10.28 -3.68
N GLY F 10 25.96 10.52 -3.57
CA GLY F 10 25.19 10.92 -4.73
C GLY F 10 24.83 9.82 -5.69
N ASP F 11 25.10 8.56 -5.35
CA ASP F 11 24.71 7.45 -6.21
C ASP F 11 23.22 7.19 -6.08
N ARG F 12 22.72 6.26 -6.88
CA ARG F 12 21.31 5.87 -6.80
C ARG F 12 21.05 5.14 -5.49
N SER F 13 20.01 5.55 -4.78
CA SER F 13 19.65 4.95 -3.50
C SER F 13 18.55 3.92 -3.70
N SER F 14 18.66 2.79 -3.00
CA SER F 14 17.66 1.75 -3.03
C SER F 14 16.76 1.75 -1.79
N GLY F 15 16.82 2.82 -1.00
CA GLY F 15 16.06 2.92 0.23
C GLY F 15 16.94 3.39 1.38
N LYS F 16 16.31 3.53 2.53
CA LYS F 16 17.01 3.96 3.73
C LYS F 16 17.76 2.80 4.36
N HIS F 17 18.96 3.08 4.86
CA HIS F 17 19.79 2.07 5.51
C HIS F 17 20.46 2.71 6.72
N TYR F 18 20.22 2.15 7.90
CA TYR F 18 20.78 2.65 9.16
C TYR F 18 20.39 4.09 9.41
N GLY F 19 19.26 4.53 8.84
CA GLY F 19 18.67 5.81 9.11
C GLY F 19 18.72 6.80 7.97
N VAL F 20 19.55 6.56 6.95
CA VAL F 20 19.81 7.54 5.90
C VAL F 20 19.61 6.89 4.54
N TYR F 21 18.98 7.61 3.63
CA TYR F 21 18.92 7.18 2.23
C TYR F 21 20.33 7.00 1.69
N SER F 22 20.66 5.77 1.31
CA SER F 22 22.03 5.47 0.88
C SER F 22 22.00 4.38 -0.18
N CYS F 23 23.11 4.26 -0.89
CA CYS F 23 23.29 3.25 -1.91
C CYS F 23 23.81 1.95 -1.30
N GLU F 24 23.84 0.90 -2.13
CA GLU F 24 24.31 -0.40 -1.65
C GLU F 24 25.77 -0.35 -1.24
N GLY F 25 26.58 0.48 -1.92
CA GLY F 25 27.98 0.57 -1.55
C GLY F 25 28.18 1.16 -0.17
N CYS F 26 27.59 2.33 0.08
CA CYS F 26 27.73 2.97 1.39
C CYS F 26 27.11 2.13 2.50
N LYS F 27 26.06 1.37 2.18
CA LYS F 27 25.46 0.49 3.18
C LYS F 27 26.43 -0.61 3.58
N GLY F 28 27.08 -1.24 2.60
CA GLY F 28 28.06 -2.28 2.92
C GLY F 28 29.28 -1.72 3.64
N PHE F 29 29.69 -0.50 3.26
CA PHE F 29 30.84 0.12 3.91
C PHE F 29 30.57 0.36 5.40
N PHE F 30 29.45 1.00 5.71
CA PHE F 30 29.12 1.28 7.11
C PHE F 30 28.98 0.00 7.91
N LYS F 31 28.43 -1.05 7.29
CA LYS F 31 28.23 -2.31 8.00
C LYS F 31 29.55 -2.94 8.39
N ARG F 32 30.56 -2.87 7.50
CA ARG F 32 31.84 -3.51 7.77
C ARG F 32 32.69 -2.72 8.76
N THR F 33 32.47 -1.41 8.87
CA THR F 33 33.25 -0.60 9.79
C THR F 33 32.76 -0.73 11.23
N VAL F 34 31.47 -0.94 11.42
CA VAL F 34 30.93 -1.08 12.77
C VAL F 34 31.09 -2.51 13.27
N ARG F 35 30.91 -3.49 12.38
CA ARG F 35 30.98 -4.89 12.79
C ARG F 35 32.36 -5.25 13.32
N LYS F 36 33.41 -4.69 12.72
CA LYS F 36 34.78 -4.99 13.11
C LYS F 36 35.49 -3.84 13.81
N ASP F 37 34.80 -2.71 14.02
CA ASP F 37 35.37 -1.54 14.69
C ASP F 37 36.64 -1.06 14.00
N LEU F 38 36.51 -0.80 12.70
CA LEU F 38 37.64 -0.33 11.90
C LEU F 38 37.88 1.16 12.17
N THR F 39 39.14 1.51 12.41
CA THR F 39 39.55 2.89 12.65
C THR F 39 40.38 3.37 11.48
N TYR F 40 39.90 4.40 10.79
CA TYR F 40 40.54 4.93 9.59
C TYR F 40 41.31 6.20 9.91
N THR F 41 42.30 6.49 9.07
CA THR F 41 43.07 7.73 9.14
C THR F 41 43.06 8.41 7.78
N CYS F 42 43.04 9.74 7.80
CA CYS F 42 43.00 10.53 6.58
C CYS F 42 44.38 11.09 6.29
N ARG F 43 44.85 10.87 5.07
CA ARG F 43 46.15 11.34 4.63
C ARG F 43 46.13 12.81 4.19
N ASP F 44 45.02 13.51 4.41
CA ASP F 44 44.86 14.87 3.89
C ASP F 44 44.35 15.73 5.05
N ASN F 45 43.47 16.70 4.77
CA ASN F 45 43.00 17.64 5.79
C ASN F 45 41.60 17.32 6.28
N LYS F 46 41.17 16.07 6.18
CA LYS F 46 39.86 15.63 6.64
C LYS F 46 38.72 16.38 5.93
N ASP F 47 38.83 16.50 4.60
CA ASP F 47 37.82 17.18 3.81
C ASP F 47 37.73 16.62 2.39
N CYS F 48 38.10 15.36 2.20
CA CYS F 48 38.08 14.76 0.88
C CYS F 48 36.65 14.67 0.36
N LEU F 49 36.45 15.09 -0.89
CA LEU F 49 35.12 15.06 -1.49
C LEU F 49 34.69 13.63 -1.79
N ILE F 50 33.43 13.33 -1.49
CA ILE F 50 32.87 11.99 -1.63
C ILE F 50 31.76 12.06 -2.68
N ASP F 51 31.99 11.44 -3.83
CA ASP F 51 30.98 11.35 -4.87
C ASP F 51 30.86 9.89 -5.30
N LYS F 52 30.30 9.66 -6.49
CA LYS F 52 30.13 8.31 -6.98
C LYS F 52 31.44 7.70 -7.46
N ARG F 53 32.29 8.50 -8.10
CA ARG F 53 33.49 7.95 -8.72
C ARG F 53 34.62 7.73 -7.72
N GLN F 54 34.76 8.62 -6.74
CA GLN F 54 35.91 8.61 -5.84
C GLN F 54 35.47 8.54 -4.38
N ARG F 55 34.50 7.67 -4.08
CA ARG F 55 34.13 7.45 -2.69
C ARG F 55 35.10 6.52 -1.97
N ASN F 56 35.88 5.74 -2.71
CA ASN F 56 36.81 4.78 -2.14
C ASN F 56 38.23 5.35 -2.02
N ARG F 57 38.41 6.65 -2.23
CA ARG F 57 39.74 7.24 -2.16
C ARG F 57 40.17 7.58 -0.74
N CYS F 58 39.23 7.65 0.20
CA CYS F 58 39.56 7.96 1.59
C CYS F 58 38.46 7.40 2.48
N GLN F 59 38.75 6.32 3.20
CA GLN F 59 37.76 5.70 4.05
C GLN F 59 37.41 6.54 5.27
N TYR F 60 38.30 7.47 5.68
CA TYR F 60 37.99 8.32 6.82
C TYR F 60 36.89 9.31 6.48
N CYS F 61 37.08 10.08 5.40
CA CYS F 61 36.09 11.08 5.03
C CYS F 61 34.80 10.48 4.51
N ARG F 62 34.82 9.20 4.14
CA ARG F 62 33.58 8.53 3.75
C ARG F 62 32.79 8.08 4.97
N TYR F 63 33.49 7.68 6.04
CA TYR F 63 32.80 7.30 7.27
C TYR F 63 32.29 8.53 8.01
N GLN F 64 33.12 9.57 8.13
CA GLN F 64 32.70 10.80 8.80
C GLN F 64 31.51 11.44 8.12
N LYS F 65 31.36 11.22 6.81
CA LYS F 65 30.19 11.73 6.10
C LYS F 65 28.98 10.82 6.28
N CYS F 66 29.19 9.55 6.60
CA CYS F 66 28.08 8.71 7.01
C CYS F 66 27.51 9.18 8.34
N LEU F 67 28.38 9.51 9.30
CA LEU F 67 27.93 9.99 10.59
C LEU F 67 27.30 11.38 10.49
N ALA F 68 27.92 12.27 9.71
CA ALA F 68 27.44 13.64 9.62
C ALA F 68 26.06 13.74 9.00
N MET F 69 25.66 12.75 8.20
CA MET F 69 24.33 12.75 7.60
C MET F 69 23.31 11.97 8.42
N GLY F 70 23.75 11.17 9.39
CA GLY F 70 22.83 10.57 10.33
C GLY F 70 22.73 9.05 10.32
N MET F 71 23.80 8.38 9.91
CA MET F 71 23.83 6.93 9.96
C MET F 71 24.10 6.49 11.39
N LYS F 72 23.17 5.72 11.97
CA LYS F 72 23.28 5.31 13.36
C LYS F 72 24.18 4.09 13.49
N ARG F 73 25.12 4.16 14.44
CA ARG F 73 25.95 3.00 14.74
C ARG F 73 25.14 1.89 15.40
N GLU F 74 24.17 2.27 16.24
CA GLU F 74 23.34 1.29 16.93
C GLU F 74 22.42 0.53 15.98
N ALA F 75 22.15 1.07 14.79
CA ALA F 75 21.30 0.38 13.83
C ALA F 75 21.96 -0.85 13.24
N VAL F 76 23.28 -1.01 13.42
CA VAL F 76 23.98 -2.18 12.90
C VAL F 76 23.80 -3.34 13.87
N GLN F 77 23.21 -4.43 13.38
CA GLN F 77 23.03 -5.62 14.19
C GLN F 77 24.34 -6.42 14.25
N GLU F 78 24.43 -7.27 15.26
CA GLU F 78 25.60 -8.14 15.40
C GLU F 78 25.59 -9.20 14.30
N GLU F 79 26.71 -9.93 14.21
CA GLU F 79 26.84 -10.98 13.20
C GLU F 79 25.75 -12.02 13.36
N ARG F 80 25.28 -12.55 12.23
CA ARG F 80 24.18 -13.52 12.18
C ARG F 80 22.93 -12.97 12.87
ZN ZN I . -39.25 10.52 1.23
ZN ZN J . -27.27 0.51 2.76
ZN ZN K . -6.19 6.52 -20.97
ZN ZN L . -21.69 3.29 -25.90
ZN ZN M . 6.87 -5.20 23.64
ZN ZN N . 20.27 -13.12 24.97
ZN ZN O . 26.58 6.00 -1.50
ZN ZN P . 40.12 12.27 3.76
#